data_8WFP
#
_entry.id   8WFP
#
_cell.length_a   77.829
_cell.length_b   35.370
_cell.length_c   95.545
_cell.angle_alpha   90.00
_cell.angle_beta   89.98
_cell.angle_gamma   90.00
#
_symmetry.space_group_name_H-M   'P 1 2 1'
#
loop_
_entity.id
_entity.type
_entity.pdbx_description
1 polymer 'Serine/threonine-protein kinase PLK1'
2 polymer DD-1
3 water water
#
loop_
_entity_poly.entity_id
_entity_poly.type
_entity_poly.pdbx_seq_one_letter_code
_entity_poly.pdbx_strand_id
1 'polypeptide(L)'
;AAHLSDMLQQLHSVNASKPSERGLVRQEEAEDPACIPIFWVSKWVDYSDKYGLGYQLCDNSVGVLFNDSTRLILYNDGDS
LQYIERDGTESYLTVSSHPNSLMKKITLLKYFRNYMSEHLLKAGANITPREGDELARLPYLRTWFRTRSAIILHLSNGSV
QINFFQDHTKLILCPLMAAVTYIDEKRDFRTYRLSLLEEYGCCKELASRLRYARTMVDKLLSSRSA
;
A,B
2 'polypeptide(L)' (ACE)PLHS(TPO)(NH2) C,D
#
loop_
_chem_comp.id
_chem_comp.type
_chem_comp.name
_chem_comp.formula
ACE non-polymer 'ACETYL GROUP' 'C2 H4 O'
NH2 non-polymer 'AMINO GROUP' 'H2 N'
#
# COMPACT_ATOMS: atom_id res chain seq x y z
N ALA A 1 -3.14 5.78 30.12
CA ALA A 1 -3.24 6.00 31.57
C ALA A 1 -4.63 5.59 32.08
N ALA A 2 -5.68 6.24 31.55
CA ALA A 2 -7.04 5.76 31.80
C ALA A 2 -7.19 4.29 31.42
N HIS A 3 -6.82 3.92 30.18
CA HIS A 3 -6.95 2.54 29.73
C HIS A 3 -6.03 1.61 30.50
N LEU A 4 -4.83 2.08 30.85
CA LEU A 4 -3.90 1.24 31.61
C LEU A 4 -4.40 0.96 33.03
N SER A 5 -4.93 1.98 33.73
CA SER A 5 -5.45 1.70 35.07
C SER A 5 -6.61 0.71 35.00
N ASP A 6 -7.47 0.87 34.00
CA ASP A 6 -8.54 -0.09 33.79
C ASP A 6 -7.97 -1.48 33.57
N MET A 7 -6.92 -1.57 32.77
CA MET A 7 -6.30 -2.87 32.54
C MET A 7 -5.78 -3.46 33.85
N LEU A 8 -5.08 -2.63 34.64
CA LEU A 8 -4.59 -3.08 35.94
C LEU A 8 -5.72 -3.61 36.81
N GLN A 9 -6.84 -2.87 36.88
CA GLN A 9 -7.94 -3.35 37.72
C GLN A 9 -8.43 -4.70 37.21
N GLN A 10 -8.65 -4.79 35.90
CA GLN A 10 -9.15 -6.03 35.31
C GLN A 10 -8.21 -7.19 35.62
N LEU A 11 -6.89 -6.95 35.61
CA LEU A 11 -5.94 -8.02 35.90
C LEU A 11 -5.88 -8.34 37.39
N HIS A 12 -5.85 -7.32 38.23
CA HIS A 12 -5.94 -7.54 39.67
C HIS A 12 -7.15 -8.38 40.03
N SER A 13 -8.29 -8.08 39.41
CA SER A 13 -9.52 -8.81 39.66
C SER A 13 -9.44 -10.28 39.23
N VAL A 14 -8.92 -10.55 38.01
CA VAL A 14 -8.88 -11.95 37.59
C VAL A 14 -7.87 -12.73 38.43
N ASN A 15 -6.72 -12.12 38.72
CA ASN A 15 -5.69 -12.82 39.48
C ASN A 15 -6.16 -13.07 40.91
N ALA A 16 -6.86 -12.10 41.49
CA ALA A 16 -7.40 -12.26 42.83
C ALA A 16 -8.32 -13.45 42.91
N SER A 17 -8.92 -13.82 41.78
CA SER A 17 -9.85 -14.94 41.71
C SER A 17 -9.13 -16.28 41.64
N LYS A 18 -7.80 -16.31 41.66
CA LYS A 18 -7.01 -17.54 41.62
C LYS A 18 -7.60 -18.55 40.61
N PRO A 19 -7.66 -18.16 39.34
CA PRO A 19 -8.43 -18.97 38.38
C PRO A 19 -7.91 -20.39 38.18
N SER A 20 -6.64 -20.67 38.45
CA SER A 20 -6.10 -22.01 38.27
C SER A 20 -6.43 -22.95 39.42
N GLU A 21 -7.03 -22.47 40.50
CA GLU A 21 -7.36 -23.31 41.65
C GLU A 21 -8.83 -23.71 41.69
N ARG A 22 -9.55 -23.55 40.59
CA ARG A 22 -10.93 -23.96 40.55
C ARG A 22 -11.02 -25.48 40.59
N GLY A 23 -11.99 -25.99 41.36
CA GLY A 23 -12.18 -27.44 41.44
C GLY A 23 -12.58 -28.04 40.11
N LEU A 24 -13.30 -27.29 39.29
CA LEU A 24 -13.74 -27.66 37.94
C LEU A 24 -13.29 -26.54 37.02
N VAL A 25 -12.10 -26.66 36.44
CA VAL A 25 -11.65 -25.65 35.48
C VAL A 25 -12.43 -25.89 34.19
N ARG A 26 -12.95 -24.81 33.61
CA ARG A 26 -13.68 -24.87 32.33
C ARG A 26 -13.28 -23.69 31.45
N GLN A 27 -11.98 -23.57 31.21
CA GLN A 27 -11.43 -22.53 30.35
C GLN A 27 -12.24 -22.27 29.09
N GLU A 28 -12.63 -23.34 28.39
CA GLU A 28 -13.33 -23.16 27.12
C GLU A 28 -14.59 -22.31 27.28
N GLU A 29 -15.21 -22.35 28.44
CA GLU A 29 -16.40 -21.52 28.65
C GLU A 29 -16.08 -20.06 28.84
N ALA A 30 -14.81 -19.70 28.99
CA ALA A 30 -14.46 -18.29 29.05
C ALA A 30 -14.09 -17.73 27.70
N GLU A 31 -14.02 -18.55 26.66
CA GLU A 31 -13.64 -18.03 25.35
C GLU A 31 -14.73 -17.13 24.80
N ASP A 32 -14.32 -16.14 24.01
CA ASP A 32 -15.25 -15.31 23.26
C ASP A 32 -14.54 -14.82 22.01
N PRO A 33 -14.61 -15.60 20.93
CA PRO A 33 -13.93 -15.19 19.68
C PRO A 33 -14.39 -13.85 19.13
N ALA A 34 -15.56 -13.35 19.55
CA ALA A 34 -15.98 -12.03 19.11
C ALA A 34 -15.09 -10.93 19.66
N CYS A 35 -14.33 -11.21 20.72
CA CYS A 35 -13.44 -10.23 21.32
C CYS A 35 -12.04 -10.24 20.71
N ILE A 36 -11.83 -10.99 19.63
CA ILE A 36 -10.54 -11.04 18.95
C ILE A 36 -10.08 -9.61 18.66
N PRO A 37 -8.81 -9.29 18.85
CA PRO A 37 -8.38 -7.90 18.68
C PRO A 37 -8.41 -7.52 17.21
N ILE A 38 -8.44 -6.21 16.99
CA ILE A 38 -8.28 -5.70 15.63
C ILE A 38 -6.81 -5.64 15.26
N PHE A 39 -5.98 -5.18 16.21
CA PHE A 39 -4.56 -4.95 15.93
C PHE A 39 -3.70 -5.66 16.97
N TRP A 40 -2.54 -6.13 16.51
CA TRP A 40 -1.47 -6.60 17.38
C TRP A 40 -0.15 -6.44 16.63
N VAL A 41 0.95 -6.55 17.37
CA VAL A 41 2.29 -6.44 16.76
C VAL A 41 2.70 -7.79 16.18
N SER A 42 2.87 -7.83 14.88
CA SER A 42 3.22 -9.09 14.25
C SER A 42 4.73 -9.27 14.11
N LYS A 43 5.50 -8.18 14.07
CA LYS A 43 6.96 -8.18 13.97
C LYS A 43 7.54 -6.94 14.65
N TRP A 44 8.78 -7.06 15.12
CA TRP A 44 9.47 -5.93 15.71
C TRP A 44 10.96 -6.15 15.58
N VAL A 45 11.70 -5.05 15.54
CA VAL A 45 13.15 -5.11 15.47
C VAL A 45 13.73 -3.97 16.31
N ASP A 46 14.65 -4.31 17.20
CA ASP A 46 15.22 -3.34 18.17
C ASP A 46 16.54 -2.80 17.63
N TYR A 47 16.48 -1.64 16.96
CA TYR A 47 17.67 -0.85 16.60
C TYR A 47 17.90 0.31 17.54
N SER A 48 17.54 0.18 18.83
CA SER A 48 17.51 1.35 19.71
C SER A 48 18.88 1.97 19.93
N ASP A 49 19.98 1.26 19.71
CA ASP A 49 21.27 1.89 19.94
C ASP A 49 21.51 3.07 18.99
N LYS A 50 20.93 3.01 17.78
CA LYS A 50 21.10 4.04 16.77
C LYS A 50 19.83 4.80 16.46
N TYR A 51 18.75 4.11 16.10
CA TYR A 51 17.58 4.78 15.54
C TYR A 51 16.32 4.63 16.38
N GLY A 52 15.98 3.43 16.79
CA GLY A 52 14.74 3.21 17.48
C GLY A 52 14.26 1.78 17.29
N LEU A 53 12.98 1.61 17.58
CA LEU A 53 12.29 0.33 17.57
C LEU A 53 11.32 0.36 16.39
N GLY A 54 11.48 -0.54 15.44
CA GLY A 54 10.54 -0.66 14.33
C GLY A 54 9.63 -1.85 14.55
N TYR A 55 8.43 -1.77 14.00
CA TYR A 55 7.47 -2.83 14.24
C TYR A 55 6.47 -2.86 13.10
N GLN A 56 5.76 -3.98 13.00
CA GLN A 56 4.71 -4.11 12.00
C GLN A 56 3.45 -4.56 12.73
N LEU A 57 2.30 -4.00 12.36
CA LEU A 57 1.01 -4.43 12.89
C LEU A 57 0.46 -5.50 11.95
N CYS A 58 -0.49 -6.27 12.47
CA CYS A 58 -1.01 -7.42 11.73
C CYS A 58 -1.67 -7.01 10.40
N ASP A 59 -1.98 -5.73 10.20
CA ASP A 59 -2.56 -5.30 8.92
C ASP A 59 -1.49 -4.92 7.90
N ASN A 60 -0.20 -5.16 8.21
CA ASN A 60 0.99 -4.91 7.38
C ASN A 60 1.39 -3.45 7.37
N SER A 61 0.72 -2.59 8.15
CA SER A 61 1.27 -1.28 8.42
C SER A 61 2.56 -1.43 9.23
N VAL A 62 3.46 -0.46 9.10
CA VAL A 62 4.71 -0.49 9.86
C VAL A 62 4.84 0.82 10.63
N GLY A 63 5.62 0.78 11.70
CA GLY A 63 5.85 1.97 12.49
C GLY A 63 7.22 1.91 13.11
N VAL A 64 7.67 3.08 13.59
CA VAL A 64 8.95 3.22 14.26
C VAL A 64 8.77 4.19 15.41
N LEU A 65 9.27 3.82 16.58
CA LEU A 65 9.38 4.75 17.68
C LEU A 65 10.85 5.16 17.68
N PHE A 66 11.11 6.39 17.22
CA PHE A 66 12.48 6.86 17.14
C PHE A 66 13.05 7.18 18.54
N ASN A 67 14.38 7.17 18.61
CA ASN A 67 15.03 7.51 19.88
C ASN A 67 14.71 8.91 20.34
N ASP A 68 14.29 9.83 19.44
CA ASP A 68 13.91 11.16 19.87
C ASP A 68 12.47 11.24 20.34
N SER A 69 11.81 10.09 20.55
CA SER A 69 10.44 10.02 21.04
C SER A 69 9.41 10.46 20.01
N THR A 70 9.78 10.60 18.74
CA THR A 70 8.76 10.75 17.70
C THR A 70 8.38 9.38 17.15
N ARG A 71 7.21 9.32 16.49
CA ARG A 71 6.73 8.08 15.91
C ARG A 71 6.26 8.33 14.49
N LEU A 72 6.65 7.46 13.57
CA LEU A 72 6.25 7.58 12.18
C LEU A 72 5.61 6.25 11.79
N ILE A 73 4.43 6.32 11.17
CA ILE A 73 3.65 5.14 10.84
C ILE A 73 3.35 5.20 9.35
N LEU A 74 3.59 4.08 8.64
CA LEU A 74 3.29 3.96 7.22
C LEU A 74 2.18 2.92 7.07
N TYR A 75 1.04 3.34 6.54
CA TYR A 75 -0.13 2.49 6.37
C TYR A 75 0.12 1.39 5.33
N ASN A 76 -0.77 0.39 5.32
CA ASN A 76 -0.53 -0.72 4.39
C ASN A 76 -0.79 -0.36 2.92
N ASP A 77 -1.26 0.85 2.59
CA ASP A 77 -1.28 1.28 1.18
C ASP A 77 0.12 1.67 0.69
N GLY A 78 1.11 1.69 1.57
CA GLY A 78 2.46 1.98 1.16
C GLY A 78 2.76 3.43 0.95
N ASP A 79 1.79 4.33 1.17
CA ASP A 79 2.02 5.75 0.93
C ASP A 79 1.51 6.68 2.04
N SER A 80 0.46 6.32 2.77
CA SER A 80 -0.12 7.21 3.76
C SER A 80 0.75 7.15 5.00
N LEU A 81 1.00 8.31 5.61
CA LEU A 81 1.82 8.38 6.80
C LEU A 81 1.04 9.05 7.92
N GLN A 82 1.39 8.68 9.15
CA GLN A 82 0.98 9.46 10.31
C GLN A 82 2.24 9.68 11.16
N TYR A 83 2.50 10.93 11.49
CA TYR A 83 3.67 11.34 12.25
C TYR A 83 3.23 11.93 13.58
N ILE A 84 3.80 11.45 14.69
CA ILE A 84 3.39 11.89 16.03
C ILE A 84 4.63 12.42 16.73
N GLU A 85 4.61 13.67 17.11
CA GLU A 85 5.81 14.22 17.70
C GLU A 85 5.78 13.97 19.20
N ARG A 86 6.86 14.35 19.88
CA ARG A 86 6.93 14.04 21.30
C ARG A 86 5.88 14.82 22.08
N ASP A 87 5.64 16.08 21.72
CA ASP A 87 4.57 16.85 22.37
C ASP A 87 3.18 16.31 22.09
N GLY A 88 3.03 15.30 21.24
CA GLY A 88 1.74 14.75 20.90
C GLY A 88 1.14 15.23 19.58
N THR A 89 1.70 16.27 18.94
CA THR A 89 1.23 16.73 17.65
C THR A 89 1.19 15.59 16.64
N GLU A 90 0.04 15.39 15.99
CA GLU A 90 -0.06 14.43 14.90
C GLU A 90 -0.28 15.10 13.56
N SER A 91 0.28 14.49 12.53
CA SER A 91 0.12 14.97 11.16
C SER A 91 -0.11 13.76 10.26
N TYR A 92 -0.87 14.01 9.21
CA TYR A 92 -1.13 13.01 8.18
C TYR A 92 -0.63 13.57 6.87
N LEU A 93 0.18 12.77 6.17
CA LEU A 93 0.79 13.18 4.91
C LEU A 93 1.04 11.92 4.09
N THR A 94 1.70 12.07 2.94
CA THR A 94 2.08 10.93 2.13
C THR A 94 3.58 10.96 1.89
N VAL A 95 4.20 9.76 1.74
CA VAL A 95 5.57 9.67 1.25
C VAL A 95 5.68 10.34 -0.12
N SER A 96 4.70 10.09 -1.00
CA SER A 96 4.79 10.60 -2.37
C SER A 96 4.77 12.12 -2.41
N SER A 97 4.15 12.78 -1.43
CA SER A 97 4.25 14.24 -1.36
C SER A 97 5.67 14.74 -1.08
N HIS A 98 6.62 13.85 -0.80
CA HIS A 98 8.03 14.20 -0.55
C HIS A 98 8.13 15.29 0.51
N PRO A 99 7.72 15.00 1.76
CA PRO A 99 7.88 16.01 2.82
C PRO A 99 9.36 16.25 3.11
N ASN A 100 9.81 17.49 2.87
CA ASN A 100 11.20 17.81 3.17
C ASN A 100 11.57 17.61 4.64
N SER A 101 10.65 17.85 5.56
CA SER A 101 11.02 17.71 6.97
C SER A 101 11.18 16.27 7.43
N LEU A 102 10.77 15.29 6.63
CA LEU A 102 10.70 13.92 7.11
C LEU A 102 11.39 12.88 6.25
N MET A 103 12.09 13.27 5.18
CA MET A 103 12.68 12.26 4.29
C MET A 103 13.66 11.33 5.00
N LYS A 104 14.52 11.85 5.90
CA LYS A 104 15.42 10.95 6.64
C LYS A 104 14.67 9.90 7.43
N LYS A 105 13.60 10.31 8.13
CA LYS A 105 12.90 9.33 8.94
C LYS A 105 12.10 8.39 8.07
N ILE A 106 11.54 8.87 6.96
CA ILE A 106 10.87 7.94 6.04
C ILE A 106 11.86 6.91 5.54
N THR A 107 13.08 7.34 5.17
CA THR A 107 14.07 6.38 4.69
C THR A 107 14.40 5.33 5.75
N LEU A 108 14.59 5.76 7.00
CA LEU A 108 14.82 4.80 8.08
C LEU A 108 13.64 3.85 8.25
N LEU A 109 12.42 4.38 8.27
CA LEU A 109 11.25 3.51 8.36
C LEU A 109 11.27 2.46 7.26
N LYS A 110 11.56 2.86 6.01
CA LYS A 110 11.61 1.90 4.91
C LYS A 110 12.68 0.83 5.13
N TYR A 111 13.84 1.22 5.68
CA TYR A 111 14.88 0.26 6.05
C TYR A 111 14.38 -0.78 7.04
N PHE A 112 13.70 -0.31 8.09
CA PHE A 112 13.06 -1.22 9.04
C PHE A 112 12.04 -2.12 8.36
N ARG A 113 11.23 -1.55 7.49
CA ARG A 113 10.19 -2.34 6.85
C ARG A 113 10.79 -3.46 6.00
N ASN A 114 11.87 -3.16 5.27
CA ASN A 114 12.46 -4.19 4.43
C ASN A 114 13.15 -5.26 5.27
N TYR A 115 13.78 -4.86 6.38
CA TYR A 115 14.36 -5.86 7.29
C TYR A 115 13.32 -6.87 7.76
N MET A 116 12.18 -6.38 8.26
CA MET A 116 11.17 -7.28 8.80
C MET A 116 10.49 -8.11 7.70
N SER A 117 10.28 -7.53 6.52
CA SER A 117 9.57 -8.29 5.50
C SER A 117 10.40 -9.43 4.94
N GLU A 118 11.71 -9.36 5.06
CA GLU A 118 12.55 -10.38 4.47
C GLU A 118 12.98 -11.44 5.47
N HIS A 119 13.00 -11.11 6.77
CA HIS A 119 13.61 -12.00 7.75
C HIS A 119 12.67 -12.53 8.81
N LEU A 120 11.54 -11.89 9.08
CA LEU A 120 10.78 -12.22 10.28
C LEU A 120 9.44 -12.83 9.93
N LEU A 121 9.00 -13.76 10.78
CA LEU A 121 7.69 -14.36 10.64
C LEU A 121 6.63 -13.38 11.13
N LYS A 122 5.39 -13.61 10.72
CA LYS A 122 4.29 -12.74 11.14
C LYS A 122 3.57 -13.39 12.31
N ALA A 123 3.60 -12.77 13.49
CA ALA A 123 2.87 -13.35 14.62
C ALA A 123 1.39 -13.30 14.33
N GLY A 124 0.69 -14.36 14.71
CA GLY A 124 -0.74 -14.44 14.50
C GLY A 124 -1.16 -14.53 13.05
N ALA A 125 -0.29 -15.06 12.19
CA ALA A 125 -0.62 -15.17 10.77
C ALA A 125 -1.86 -16.05 10.54
N ASN A 126 -2.21 -16.91 11.51
CA ASN A 126 -3.36 -17.79 11.31
C ASN A 126 -4.66 -17.18 11.83
N ILE A 127 -4.70 -15.85 12.03
CA ILE A 127 -5.83 -15.19 12.66
C ILE A 127 -6.37 -14.09 11.75
N THR A 128 -7.68 -14.11 11.52
CA THR A 128 -8.33 -12.97 10.88
C THR A 128 -8.78 -12.01 11.97
N PRO A 129 -8.24 -10.80 12.04
CA PRO A 129 -8.58 -9.91 13.17
C PRO A 129 -10.06 -9.58 13.16
N ARG A 130 -10.51 -8.94 14.23
CA ARG A 130 -11.91 -8.52 14.22
C ARG A 130 -12.07 -7.37 13.24
N GLU A 131 -13.33 -7.14 12.87
CA GLU A 131 -13.66 -6.10 11.92
C GLU A 131 -13.97 -4.84 12.72
N GLY A 132 -13.19 -3.83 12.45
CA GLY A 132 -13.51 -2.60 13.10
C GLY A 132 -13.68 -1.63 11.99
N ASP A 133 -13.75 -0.39 12.42
CA ASP A 133 -14.02 0.73 11.56
C ASP A 133 -12.69 0.94 10.82
N GLU A 134 -12.41 0.11 9.79
CA GLU A 134 -11.10 0.03 9.09
C GLU A 134 -10.68 1.41 8.61
N LEU A 135 -11.50 2.28 9.08
CA LEU A 135 -11.95 3.57 8.71
C LEU A 135 -11.53 4.51 9.83
N ALA A 136 -11.20 3.92 10.99
CA ALA A 136 -10.81 4.54 12.24
C ALA A 136 -9.31 4.43 12.49
N ARG A 137 -8.86 5.28 13.41
CA ARG A 137 -7.46 5.52 13.72
C ARG A 137 -6.62 4.26 13.87
N LEU A 138 -5.58 4.14 13.02
CA LEU A 138 -4.51 3.18 13.27
C LEU A 138 -3.81 3.54 14.60
N PRO A 139 -3.67 2.60 15.53
CA PRO A 139 -2.88 2.89 16.73
C PRO A 139 -1.40 3.02 16.41
N TYR A 140 -0.66 3.60 17.36
CA TYR A 140 0.80 3.63 17.29
C TYR A 140 1.39 3.07 18.59
N LEU A 141 2.67 2.70 18.54
CA LEU A 141 3.33 2.18 19.72
C LEU A 141 3.63 3.35 20.66
N ARG A 142 2.98 3.37 21.84
CA ARG A 142 3.15 4.45 22.83
C ARG A 142 4.42 4.26 23.66
N THR A 143 4.74 3.02 24.02
CA THR A 143 5.96 2.77 24.77
C THR A 143 6.22 1.28 24.72
N TRP A 144 7.45 0.91 25.04
CA TRP A 144 7.86 -0.49 25.08
C TRP A 144 9.01 -0.64 26.05
N PHE A 145 9.21 -1.87 26.51
CA PHE A 145 10.42 -2.18 27.26
C PHE A 145 10.59 -3.68 27.21
N ARG A 146 11.79 -4.12 27.58
CA ARG A 146 12.12 -5.54 27.60
C ARG A 146 12.47 -5.94 29.03
N THR A 147 12.16 -7.16 29.37
CA THR A 147 12.67 -7.82 30.57
C THR A 147 13.53 -8.97 30.11
N ARG A 148 14.03 -9.73 31.08
CA ARG A 148 14.78 -10.90 30.69
C ARG A 148 13.90 -11.97 30.05
N SER A 149 12.59 -11.98 30.33
CA SER A 149 11.68 -12.98 29.82
C SER A 149 10.80 -12.52 28.66
N ALA A 150 10.62 -11.21 28.45
CA ALA A 150 9.63 -10.83 27.45
C ALA A 150 9.88 -9.42 26.95
N ILE A 151 9.12 -9.07 25.90
CA ILE A 151 9.05 -7.69 25.45
C ILE A 151 7.61 -7.22 25.62
N ILE A 152 7.46 -6.01 26.14
CA ILE A 152 6.16 -5.44 26.49
C ILE A 152 5.92 -4.28 25.54
N LEU A 153 4.77 -4.29 24.87
CA LEU A 153 4.47 -3.31 23.84
C LEU A 153 3.12 -2.68 24.16
N HIS A 154 3.09 -1.36 24.31
CA HIS A 154 1.87 -0.66 24.71
C HIS A 154 1.40 0.19 23.54
N LEU A 155 0.23 -0.14 23.00
CA LEU A 155 -0.31 0.58 21.85
C LEU A 155 -1.21 1.74 22.30
N SER A 156 -1.31 2.75 21.44
CA SER A 156 -2.08 3.95 21.74
C SER A 156 -3.58 3.70 21.89
N ASN A 157 -4.09 2.56 21.42
CA ASN A 157 -5.50 2.23 21.66
C ASN A 157 -5.71 1.60 23.04
N GLY A 158 -4.68 1.57 23.89
CA GLY A 158 -4.80 0.99 25.20
C GLY A 158 -4.40 -0.48 25.28
N SER A 159 -4.18 -1.14 24.14
CA SER A 159 -3.81 -2.55 24.20
C SER A 159 -2.38 -2.70 24.72
N VAL A 160 -2.12 -3.84 25.36
CA VAL A 160 -0.79 -4.17 25.86
C VAL A 160 -0.49 -5.58 25.38
N GLN A 161 0.63 -5.74 24.67
CA GLN A 161 1.04 -7.04 24.17
C GLN A 161 2.34 -7.42 24.87
N ILE A 162 2.44 -8.69 25.26
CA ILE A 162 3.62 -9.24 25.92
C ILE A 162 4.02 -10.51 25.16
N ASN A 163 5.22 -10.50 24.60
CA ASN A 163 5.76 -11.63 23.84
C ASN A 163 6.81 -12.29 24.70
N PHE A 164 6.61 -13.57 25.02
CA PHE A 164 7.57 -14.29 25.85
C PHE A 164 8.67 -14.88 24.98
N PHE A 165 9.94 -14.58 25.32
CA PHE A 165 11.07 -14.99 24.49
C PHE A 165 11.26 -16.51 24.49
N GLN A 166 11.19 -17.13 25.66
CA GLN A 166 11.62 -18.53 25.80
C GLN A 166 10.76 -19.48 24.98
N ASP A 167 9.44 -19.38 25.10
CA ASP A 167 8.58 -20.36 24.45
C ASP A 167 7.68 -19.75 23.35
N HIS A 168 7.88 -18.48 22.99
CA HIS A 168 7.14 -17.79 21.92
C HIS A 168 5.66 -17.63 22.23
N THR A 169 5.28 -17.75 23.49
CA THR A 169 3.90 -17.50 23.84
C THR A 169 3.68 -16.00 23.95
N LYS A 170 2.44 -15.59 23.76
CA LYS A 170 2.15 -14.17 23.70
C LYS A 170 0.79 -13.90 24.30
N LEU A 171 0.65 -12.72 24.92
CA LEU A 171 -0.62 -12.23 25.40
C LEU A 171 -0.92 -10.91 24.69
N ILE A 172 -2.17 -10.70 24.29
CA ILE A 172 -2.64 -9.41 23.79
C ILE A 172 -3.82 -9.01 24.69
N LEU A 173 -3.63 -7.96 25.49
CA LEU A 173 -4.65 -7.56 26.44
C LEU A 173 -5.34 -6.31 25.93
N CYS A 174 -6.66 -6.32 25.96
CA CYS A 174 -7.46 -5.19 25.50
C CYS A 174 -8.34 -4.69 26.64
N PRO A 175 -8.09 -3.50 27.18
CA PRO A 175 -8.90 -3.06 28.33
C PRO A 175 -10.29 -2.63 27.91
N LEU A 176 -10.50 -2.24 26.65
CA LEU A 176 -11.84 -1.84 26.21
C LEU A 176 -12.81 -3.02 26.25
N MET A 177 -12.40 -4.19 25.77
CA MET A 177 -13.22 -5.38 25.83
C MET A 177 -13.00 -6.18 27.13
N ALA A 178 -12.08 -5.77 27.98
CA ALA A 178 -11.71 -6.53 29.17
C ALA A 178 -11.41 -7.97 28.79
N ALA A 179 -10.60 -8.14 27.75
CA ALA A 179 -10.33 -9.45 27.18
C ALA A 179 -8.83 -9.66 27.10
N VAL A 180 -8.44 -10.93 26.92
CA VAL A 180 -7.05 -11.32 26.70
C VAL A 180 -7.03 -12.38 25.62
N THR A 181 -6.14 -12.22 24.64
CA THR A 181 -5.89 -13.23 23.62
C THR A 181 -4.57 -13.90 23.94
N TYR A 182 -4.58 -15.22 24.00
CA TYR A 182 -3.40 -16.00 24.36
C TYR A 182 -2.97 -16.80 23.14
N ILE A 183 -1.71 -16.65 22.75
CA ILE A 183 -1.11 -17.42 21.67
C ILE A 183 -0.15 -18.42 22.32
N ASP A 184 -0.40 -19.74 22.18
CA ASP A 184 0.42 -20.72 22.90
C ASP A 184 1.64 -21.13 22.06
N GLU A 185 2.44 -22.09 22.58
CA GLU A 185 3.62 -22.58 21.82
C GLU A 185 3.26 -23.14 20.47
N LYS A 186 2.06 -23.67 20.32
CA LYS A 186 1.67 -24.31 19.08
C LYS A 186 1.05 -23.32 18.11
N ARG A 187 1.10 -22.02 18.46
CA ARG A 187 0.56 -20.89 17.70
C ARG A 187 -0.95 -20.94 17.62
N ASP A 188 -1.59 -21.78 18.44
CA ASP A 188 -3.04 -21.75 18.57
C ASP A 188 -3.44 -20.54 19.40
N PHE A 189 -4.52 -19.91 19.00
CA PHE A 189 -4.93 -18.64 19.58
C PHE A 189 -6.31 -18.82 20.20
N ARG A 190 -6.49 -18.21 21.37
CA ARG A 190 -7.77 -18.28 22.06
C ARG A 190 -7.99 -16.90 22.67
N THR A 191 -9.19 -16.37 22.55
CA THR A 191 -9.53 -15.07 23.14
C THR A 191 -10.53 -15.27 24.26
N TYR A 192 -10.23 -14.69 25.42
CA TYR A 192 -11.02 -14.92 26.63
C TYR A 192 -11.52 -13.58 27.14
N ARG A 193 -12.71 -13.59 27.71
CA ARG A 193 -13.19 -12.44 28.48
C ARG A 193 -12.71 -12.63 29.90
N LEU A 194 -12.06 -11.59 30.46
CA LEU A 194 -11.43 -11.77 31.76
C LEU A 194 -12.47 -12.06 32.83
N SER A 195 -13.67 -11.48 32.70
CA SER A 195 -14.68 -11.72 33.73
C SER A 195 -15.14 -13.18 33.70
N LEU A 196 -15.17 -13.80 32.53
CA LEU A 196 -15.56 -15.21 32.45
C LEU A 196 -14.46 -16.11 33.00
N LEU A 197 -13.20 -15.72 32.82
CA LEU A 197 -12.12 -16.51 33.36
C LEU A 197 -12.23 -16.58 34.85
N GLU A 198 -12.81 -15.55 35.46
CA GLU A 198 -12.92 -15.62 36.91
C GLU A 198 -13.99 -16.63 37.31
N GLU A 199 -15.10 -16.69 36.58
CA GLU A 199 -16.08 -17.73 36.90
C GLU A 199 -15.52 -19.11 36.64
N TYR A 200 -14.97 -19.33 35.45
CA TYR A 200 -14.71 -20.69 34.97
C TYR A 200 -13.29 -21.18 35.19
N GLY A 201 -12.35 -20.29 35.47
CA GLY A 201 -10.98 -20.72 35.72
C GLY A 201 -10.20 -20.90 34.44
N CYS A 202 -8.94 -21.32 34.60
CA CYS A 202 -8.06 -21.60 33.47
C CYS A 202 -6.89 -22.45 33.95
N CYS A 203 -6.11 -22.92 32.99
CA CYS A 203 -4.91 -23.72 33.25
C CYS A 203 -3.81 -22.88 33.91
N LYS A 204 -2.85 -23.59 34.52
CA LYS A 204 -1.77 -22.91 35.24
C LYS A 204 -0.94 -22.03 34.31
N GLU A 205 -0.73 -22.43 33.05
CA GLU A 205 0.11 -21.63 32.17
C GLU A 205 -0.50 -20.25 31.94
N LEU A 206 -1.77 -20.19 31.52
CA LEU A 206 -2.40 -18.88 31.36
C LEU A 206 -2.46 -18.11 32.67
N ALA A 207 -2.80 -18.76 33.78
CA ALA A 207 -2.83 -18.05 35.07
C ALA A 207 -1.48 -17.42 35.38
N SER A 208 -0.39 -18.16 35.18
CA SER A 208 0.93 -17.62 35.48
C SER A 208 1.24 -16.41 34.59
N ARG A 209 0.89 -16.51 33.30
CA ARG A 209 1.20 -15.40 32.40
C ARG A 209 0.39 -14.17 32.76
N LEU A 210 -0.84 -14.35 33.28
CA LEU A 210 -1.66 -13.22 33.67
C LEU A 210 -1.14 -12.54 34.95
N ARG A 211 -0.53 -13.31 35.88
CA ARG A 211 0.13 -12.68 37.01
C ARG A 211 1.32 -11.85 36.53
N TYR A 212 2.12 -12.39 35.63
CA TYR A 212 3.21 -11.63 35.05
C TYR A 212 2.71 -10.37 34.37
N ALA A 213 1.61 -10.48 33.63
CA ALA A 213 1.04 -9.32 32.93
C ALA A 213 0.70 -8.20 33.91
N ARG A 214 0.09 -8.54 35.05
CA ARG A 214 -0.27 -7.49 36.01
C ARG A 214 0.97 -6.73 36.43
N THR A 215 2.06 -7.46 36.71
CA THR A 215 3.32 -6.81 37.06
C THR A 215 3.79 -5.86 35.98
N MET A 216 3.67 -6.27 34.69
CA MET A 216 4.16 -5.40 33.63
C MET A 216 3.28 -4.18 33.45
N VAL A 217 1.97 -4.33 33.61
CA VAL A 217 1.11 -3.15 33.49
C VAL A 217 1.38 -2.19 34.64
N ASP A 218 1.59 -2.74 35.84
CA ASP A 218 2.04 -1.92 36.97
C ASP A 218 3.27 -1.10 36.61
N LYS A 219 4.30 -1.74 36.03
CA LYS A 219 5.48 -1.04 35.56
C LYS A 219 5.15 0.01 34.51
N LEU A 220 4.23 -0.31 33.59
CA LEU A 220 3.88 0.67 32.56
C LEU A 220 3.26 1.92 33.18
N LEU A 221 2.33 1.74 34.12
CA LEU A 221 1.67 2.90 34.72
C LEU A 221 2.66 3.76 35.51
N SER A 222 3.59 3.10 36.21
CA SER A 222 4.53 3.81 37.08
C SER A 222 5.51 4.63 36.27
N SER A 223 6.00 4.09 35.16
CA SER A 223 6.95 4.82 34.33
C SER A 223 6.27 6.00 33.64
N ARG A 224 5.03 5.79 33.17
CA ARG A 224 4.29 6.88 32.53
C ARG A 224 4.16 8.06 33.47
N SER A 225 3.53 7.83 34.61
CA SER A 225 3.44 8.81 35.68
C SER A 225 4.78 8.97 36.41
N ALA B 1 7.90 -2.40 -12.21
CA ALA B 1 8.74 -2.21 -11.03
C ALA B 1 10.17 -1.83 -11.45
N ALA B 2 10.82 -2.73 -12.20
CA ALA B 2 12.08 -2.40 -12.85
C ALA B 2 11.96 -1.13 -13.71
N HIS B 3 11.01 -1.14 -14.65
CA HIS B 3 10.82 0.02 -15.53
C HIS B 3 10.32 1.23 -14.74
N LEU B 4 9.48 0.99 -13.73
CA LEU B 4 8.95 2.08 -12.92
C LEU B 4 10.04 2.77 -12.10
N SER B 5 10.93 1.98 -11.48
CA SER B 5 12.04 2.59 -10.75
C SER B 5 12.92 3.39 -11.68
N ASP B 6 13.18 2.86 -12.89
CA ASP B 6 13.92 3.63 -13.88
C ASP B 6 13.22 4.93 -14.20
N MET B 7 11.89 4.87 -14.39
CA MET B 7 11.18 6.10 -14.73
C MET B 7 11.28 7.10 -13.59
N LEU B 8 11.12 6.61 -12.34
CA LEU B 8 11.29 7.50 -11.19
C LEU B 8 12.66 8.16 -11.20
N GLN B 9 13.73 7.38 -11.46
CA GLN B 9 15.06 7.99 -11.48
C GLN B 9 15.13 9.07 -12.57
N GLN B 10 14.66 8.75 -13.77
CA GLN B 10 14.69 9.71 -14.86
C GLN B 10 13.93 10.97 -14.50
N LEU B 11 12.81 10.83 -13.78
CA LEU B 11 12.02 12.01 -13.42
C LEU B 11 12.68 12.80 -12.29
N HIS B 12 13.17 12.09 -11.28
CA HIS B 12 13.94 12.75 -10.21
C HIS B 12 15.08 13.57 -10.80
N SER B 13 15.81 12.98 -11.73
CA SER B 13 16.92 13.68 -12.38
C SER B 13 16.47 14.93 -13.15
N VAL B 14 15.44 14.80 -13.98
CA VAL B 14 15.05 15.98 -14.76
C VAL B 14 14.50 17.07 -13.84
N ASN B 15 13.73 16.69 -12.82
CA ASN B 15 13.17 17.70 -11.94
C ASN B 15 14.25 18.36 -11.10
N ALA B 16 15.25 17.59 -10.67
CA ALA B 16 16.36 18.14 -9.90
C ALA B 16 17.08 19.24 -10.67
N SER B 17 17.02 19.18 -12.01
CA SER B 17 17.67 20.14 -12.89
C SER B 17 16.91 21.44 -13.03
N LYS B 18 15.77 21.61 -12.36
CA LYS B 18 14.96 22.83 -12.40
C LYS B 18 14.86 23.39 -13.84
N PRO B 19 14.31 22.61 -14.76
CA PRO B 19 14.43 22.98 -16.18
C PRO B 19 13.74 24.28 -16.55
N SER B 20 12.76 24.74 -15.78
CA SER B 20 12.10 25.99 -16.12
C SER B 20 12.87 27.23 -15.66
N GLU B 21 13.96 27.06 -14.93
CA GLU B 21 14.74 28.16 -14.40
C GLU B 21 16.02 28.42 -15.20
N ARG B 22 16.12 27.86 -16.40
CA ARG B 22 17.28 28.07 -17.25
C ARG B 22 17.31 29.52 -17.74
N GLY B 23 18.50 30.13 -17.78
CA GLY B 23 18.58 31.51 -18.23
C GLY B 23 18.14 31.67 -19.68
N LEU B 24 18.40 30.67 -20.52
CA LEU B 24 17.99 30.59 -21.93
C LEU B 24 17.29 29.24 -22.12
N VAL B 25 15.97 29.19 -22.01
CA VAL B 25 15.24 27.96 -22.25
C VAL B 25 15.21 27.71 -23.74
N ARG B 26 15.50 26.48 -24.15
CA ARG B 26 15.47 26.09 -25.56
C ARG B 26 14.82 24.73 -25.69
N GLN B 27 13.60 24.65 -25.16
CA GLN B 27 12.80 23.44 -25.24
C GLN B 27 12.90 22.77 -26.59
N GLU B 28 12.86 23.55 -27.66
CA GLU B 28 12.82 22.92 -28.97
C GLU B 28 13.97 21.97 -29.19
N GLU B 29 15.11 22.20 -28.58
CA GLU B 29 16.06 21.12 -28.78
C GLU B 29 16.07 20.07 -27.74
N ALA B 30 15.07 20.00 -26.88
CA ALA B 30 14.98 18.72 -26.23
C ALA B 30 14.13 17.77 -27.07
N GLU B 31 13.54 18.24 -28.16
CA GLU B 31 12.63 17.39 -28.93
C GLU B 31 13.39 16.26 -29.64
N ASP B 32 12.75 15.10 -29.74
CA ASP B 32 13.29 13.99 -30.52
C ASP B 32 12.13 13.18 -31.07
N PRO B 33 11.64 13.53 -32.26
CA PRO B 33 10.53 12.78 -32.85
C PRO B 33 10.78 11.28 -33.08
N ALA B 34 12.04 10.83 -33.11
CA ALA B 34 12.28 9.40 -33.22
C ALA B 34 11.82 8.65 -31.99
N CYS B 35 11.64 9.34 -30.86
CA CYS B 35 11.24 8.72 -29.61
C CYS B 35 9.72 8.67 -29.42
N ILE B 36 8.95 9.06 -30.43
CA ILE B 36 7.49 9.04 -30.35
C ILE B 36 7.05 7.63 -29.95
N PRO B 37 6.07 7.49 -29.06
CA PRO B 37 5.71 6.16 -28.58
C PRO B 37 5.02 5.33 -29.66
N ILE B 38 5.05 4.02 -29.43
CA ILE B 38 4.30 3.11 -30.28
C ILE B 38 2.86 3.06 -29.81
N PHE B 39 2.64 3.00 -28.49
CA PHE B 39 1.31 2.84 -27.93
C PHE B 39 1.00 3.93 -26.90
N TRP B 40 -0.26 4.36 -26.87
CA TRP B 40 -0.82 5.17 -25.78
C TRP B 40 -2.30 4.87 -25.69
N VAL B 41 -2.92 5.30 -24.59
CA VAL B 41 -4.35 5.11 -24.39
C VAL B 41 -5.12 6.23 -25.10
N SER B 42 -5.92 5.87 -26.09
CA SER B 42 -6.64 6.88 -26.84
C SER B 42 -8.03 7.16 -26.26
N LYS B 43 -8.62 6.19 -25.56
CA LYS B 43 -9.92 6.33 -24.88
C LYS B 43 -9.99 5.40 -23.68
N TRP B 44 -10.83 5.78 -22.71
CA TRP B 44 -11.07 4.94 -21.55
C TRP B 44 -12.46 5.22 -20.98
N VAL B 45 -13.01 4.21 -20.32
CA VAL B 45 -14.30 4.38 -19.66
C VAL B 45 -14.27 3.62 -18.33
N ASP B 46 -14.64 4.32 -17.25
CA ASP B 46 -14.62 3.78 -15.88
C ASP B 46 -15.99 3.25 -15.48
N TYR B 47 -16.15 1.95 -15.66
CA TYR B 47 -17.31 1.15 -15.26
C TYR B 47 -16.99 0.32 -14.01
N SER B 48 -16.06 0.80 -13.18
CA SER B 48 -15.52 -0.04 -12.09
C SER B 48 -16.53 -0.36 -11.01
N ASP B 49 -17.67 0.35 -10.95
CA ASP B 49 -18.70 0.00 -9.97
C ASP B 49 -19.23 -1.42 -10.18
N LYS B 50 -19.30 -1.85 -11.44
CA LYS B 50 -19.83 -3.15 -11.81
C LYS B 50 -18.80 -4.06 -12.45
N TYR B 51 -18.09 -3.61 -13.48
CA TYR B 51 -17.27 -4.51 -14.29
C TYR B 51 -15.78 -4.21 -14.25
N GLY B 52 -15.40 -2.97 -14.49
CA GLY B 52 -13.99 -2.66 -14.61
C GLY B 52 -13.78 -1.42 -15.45
N LEU B 53 -12.54 -1.29 -15.88
CA LEU B 53 -12.06 -0.15 -16.64
C LEU B 53 -11.80 -0.62 -18.06
N GLY B 54 -12.51 -0.07 -19.03
CA GLY B 54 -12.27 -0.40 -20.42
C GLY B 54 -11.46 0.72 -21.06
N TYR B 55 -10.67 0.36 -22.07
CA TYR B 55 -9.81 1.33 -22.70
C TYR B 55 -9.50 0.92 -24.13
N GLN B 56 -9.02 1.88 -24.91
CA GLN B 56 -8.57 1.62 -26.27
C GLN B 56 -7.17 2.18 -26.45
N LEU B 57 -6.31 1.42 -27.14
CA LEU B 57 -4.97 1.87 -27.51
C LEU B 57 -5.05 2.54 -28.86
N CYS B 58 -4.04 3.35 -29.14
CA CYS B 58 -4.06 4.14 -30.37
C CYS B 58 -4.12 3.29 -31.63
N ASP B 59 -3.82 1.98 -31.55
CA ASP B 59 -3.88 1.10 -32.73
C ASP B 59 -5.26 0.49 -32.94
N ASN B 60 -6.26 0.90 -32.15
CA ASN B 60 -7.67 0.47 -32.15
C ASN B 60 -7.90 -0.89 -31.50
N SER B 61 -6.88 -1.50 -30.90
CA SER B 61 -7.11 -2.59 -29.97
C SER B 61 -7.83 -2.05 -28.73
N VAL B 62 -8.62 -2.90 -28.09
CA VAL B 62 -9.30 -2.49 -26.86
C VAL B 62 -8.95 -3.49 -25.76
N GLY B 63 -9.13 -3.06 -24.51
CA GLY B 63 -8.84 -3.91 -23.37
C GLY B 63 -9.73 -3.54 -22.21
N VAL B 64 -9.79 -4.44 -21.24
CA VAL B 64 -10.55 -4.23 -20.02
C VAL B 64 -9.74 -4.80 -18.88
N LEU B 65 -9.63 -4.03 -17.81
CA LEU B 65 -9.09 -4.53 -16.55
C LEU B 65 -10.33 -4.75 -15.70
N PHE B 66 -10.72 -6.03 -15.54
CA PHE B 66 -11.91 -6.37 -14.79
C PHE B 66 -11.68 -6.19 -13.29
N ASN B 67 -12.79 -6.05 -12.57
CA ASN B 67 -12.66 -5.91 -11.12
C ASN B 67 -12.04 -7.13 -10.46
N ASP B 68 -12.04 -8.30 -11.11
CA ASP B 68 -11.41 -9.47 -10.52
C ASP B 68 -9.91 -9.54 -10.80
N SER B 69 -9.32 -8.46 -11.30
CA SER B 69 -7.89 -8.37 -11.60
C SER B 69 -7.48 -9.18 -12.81
N THR B 70 -8.42 -9.67 -13.62
CA THR B 70 -8.04 -10.21 -14.92
C THR B 70 -8.11 -9.13 -16.00
N ARG B 71 -7.44 -9.39 -17.12
CA ARG B 71 -7.40 -8.45 -18.23
C ARG B 71 -7.66 -9.18 -19.54
N LEU B 72 -8.52 -8.62 -20.37
CA LEU B 72 -8.85 -9.23 -21.65
C LEU B 72 -8.59 -8.18 -22.71
N ILE B 73 -7.86 -8.53 -23.76
CA ILE B 73 -7.46 -7.60 -24.79
C ILE B 73 -7.93 -8.14 -26.13
N LEU B 74 -8.57 -7.29 -26.94
CA LEU B 74 -9.01 -7.66 -28.28
C LEU B 74 -8.21 -6.84 -29.29
N TYR B 75 -7.44 -7.54 -30.14
CA TYR B 75 -6.59 -6.90 -31.13
C TYR B 75 -7.44 -6.17 -32.18
N ASN B 76 -6.77 -5.30 -32.96
CA ASN B 76 -7.53 -4.54 -33.94
C ASN B 76 -8.00 -5.37 -35.14
N ASP B 77 -7.65 -6.66 -35.25
CA ASP B 77 -8.27 -7.50 -36.28
C ASP B 77 -9.68 -7.91 -35.89
N GLY B 78 -10.12 -7.56 -34.68
CA GLY B 78 -11.47 -7.84 -34.26
C GLY B 78 -11.71 -9.26 -33.79
N ASP B 79 -10.69 -10.12 -33.79
CA ASP B 79 -10.90 -11.52 -33.41
C ASP B 79 -9.86 -12.07 -32.45
N SER B 80 -8.63 -11.57 -32.51
CA SER B 80 -7.55 -12.12 -31.70
C SER B 80 -7.68 -11.59 -30.29
N LEU B 81 -7.46 -12.45 -29.30
CA LEU B 81 -7.56 -12.08 -27.90
C LEU B 81 -6.26 -12.42 -27.18
N GLN B 82 -5.99 -11.66 -26.13
CA GLN B 82 -5.00 -12.04 -25.14
C GLN B 82 -5.66 -11.88 -23.77
N TYR B 83 -5.60 -12.93 -22.97
CA TYR B 83 -6.23 -12.96 -21.66
C TYR B 83 -5.14 -13.15 -20.62
N ILE B 84 -5.09 -12.27 -19.62
CA ILE B 84 -4.06 -12.30 -18.60
C ILE B 84 -4.74 -12.42 -17.26
N GLU B 85 -4.46 -13.51 -16.55
CA GLU B 85 -5.14 -13.72 -15.29
C GLU B 85 -4.36 -13.04 -14.17
N ARG B 86 -4.92 -13.08 -12.96
CA ARG B 86 -4.30 -12.33 -11.88
C ARG B 86 -2.96 -12.93 -11.48
N ASP B 87 -2.85 -14.27 -11.50
CA ASP B 87 -1.56 -14.92 -11.25
C ASP B 87 -0.52 -14.63 -12.34
N GLY B 88 -0.88 -13.89 -13.40
CA GLY B 88 0.04 -13.58 -14.47
C GLY B 88 -0.08 -14.47 -15.70
N THR B 89 -0.80 -15.59 -15.60
CA THR B 89 -0.99 -16.50 -16.72
C THR B 89 -1.56 -15.76 -17.93
N GLU B 90 -0.90 -15.91 -19.08
CA GLU B 90 -1.39 -15.34 -20.33
C GLU B 90 -1.82 -16.43 -21.29
N SER B 91 -2.87 -16.11 -22.06
CA SER B 91 -3.40 -17.01 -23.07
C SER B 91 -3.73 -16.20 -24.31
N TYR B 92 -3.55 -16.82 -25.47
CA TYR B 92 -3.87 -16.22 -26.76
C TYR B 92 -4.90 -17.13 -27.42
N LEU B 93 -6.01 -16.53 -27.84
CA LEU B 93 -7.13 -17.27 -28.41
C LEU B 93 -7.88 -16.33 -29.34
N THR B 94 -9.00 -16.81 -29.89
CA THR B 94 -9.83 -15.98 -30.74
C THR B 94 -11.25 -15.95 -30.20
N VAL B 95 -11.94 -14.82 -30.43
CA VAL B 95 -13.39 -14.77 -30.19
C VAL B 95 -14.10 -15.83 -31.02
N SER B 96 -13.70 -15.97 -32.29
CA SER B 96 -14.42 -16.87 -33.20
C SER B 96 -14.34 -18.33 -32.73
N SER B 97 -13.27 -18.71 -32.03
CA SER B 97 -13.22 -20.05 -31.43
C SER B 97 -14.28 -20.29 -30.37
N HIS B 98 -15.05 -19.28 -29.96
CA HIS B 98 -16.09 -19.42 -28.94
C HIS B 98 -15.54 -20.08 -27.68
N PRO B 99 -14.61 -19.43 -26.97
CA PRO B 99 -14.11 -20.02 -25.72
C PRO B 99 -15.22 -20.04 -24.67
N ASN B 100 -15.61 -21.24 -24.25
CA ASN B 100 -16.65 -21.34 -23.24
C ASN B 100 -16.27 -20.66 -21.93
N SER B 101 -14.99 -20.68 -21.55
CA SER B 101 -14.63 -20.08 -20.26
C SER B 101 -14.67 -18.56 -20.27
N LEU B 102 -14.82 -17.92 -21.43
CA LEU B 102 -14.65 -16.47 -21.53
C LEU B 102 -15.75 -15.69 -22.23
N MET B 103 -16.85 -16.33 -22.64
CA MET B 103 -17.86 -15.57 -23.40
C MET B 103 -18.45 -14.40 -22.63
N LYS B 104 -18.74 -14.53 -21.31
CA LYS B 104 -19.19 -13.33 -20.59
C LYS B 104 -18.21 -12.19 -20.64
N LYS B 105 -16.94 -12.48 -20.44
CA LYS B 105 -16.00 -11.38 -20.43
C LYS B 105 -15.85 -10.81 -21.83
N ILE B 106 -15.86 -11.66 -22.86
CA ILE B 106 -15.83 -11.12 -24.23
C ILE B 106 -17.03 -10.22 -24.48
N THR B 107 -18.23 -10.64 -24.04
CA THR B 107 -19.41 -9.82 -24.26
C THR B 107 -19.28 -8.46 -23.55
N LEU B 108 -18.78 -8.47 -22.32
CA LEU B 108 -18.53 -7.20 -21.62
C LEU B 108 -17.53 -6.33 -22.39
N LEU B 109 -16.42 -6.93 -22.80
CA LEU B 109 -15.43 -6.20 -23.60
C LEU B 109 -16.08 -5.55 -24.82
N LYS B 110 -16.93 -6.30 -25.53
CA LYS B 110 -17.58 -5.73 -26.71
C LYS B 110 -18.48 -4.54 -26.33
N TYR B 111 -19.18 -4.63 -25.20
CA TYR B 111 -19.98 -3.50 -24.72
C TYR B 111 -19.12 -2.25 -24.52
N PHE B 112 -17.99 -2.41 -23.82
CA PHE B 112 -17.05 -1.30 -23.65
C PHE B 112 -16.57 -0.79 -24.99
N ARG B 113 -16.25 -1.70 -25.89
CA ARG B 113 -15.75 -1.28 -27.20
C ARG B 113 -16.78 -0.44 -27.92
N ASN B 114 -18.04 -0.85 -27.86
CA ASN B 114 -19.08 -0.13 -28.58
C ASN B 114 -19.34 1.23 -27.93
N TYR B 115 -19.33 1.28 -26.60
CA TYR B 115 -19.51 2.57 -25.91
C TYR B 115 -18.45 3.57 -26.35
N MET B 116 -17.18 3.17 -26.34
CA MET B 116 -16.08 4.07 -26.67
C MET B 116 -16.13 4.43 -28.15
N SER B 117 -16.52 3.48 -29.01
CA SER B 117 -16.57 3.82 -30.42
C SER B 117 -17.71 4.77 -30.71
N GLU B 118 -18.76 4.86 -29.88
CA GLU B 118 -19.79 5.74 -30.22
C GLU B 118 -19.61 7.15 -29.62
N HIS B 119 -18.93 7.17 -28.47
CA HIS B 119 -19.10 8.31 -27.63
C HIS B 119 -17.84 9.11 -27.37
N LEU B 120 -16.67 8.55 -27.61
CA LEU B 120 -15.42 9.17 -27.19
C LEU B 120 -14.53 9.52 -28.36
N LEU B 121 -13.79 10.62 -28.23
CA LEU B 121 -12.78 11.02 -29.19
C LEU B 121 -11.51 10.20 -29.01
N LYS B 122 -10.67 10.18 -30.03
CA LYS B 122 -9.41 9.43 -29.99
C LYS B 122 -8.27 10.38 -29.62
N ALA B 123 -7.65 10.16 -28.45
CA ALA B 123 -6.52 11.01 -28.09
C ALA B 123 -5.34 10.75 -29.03
N GLY B 124 -4.63 11.82 -29.39
CA GLY B 124 -3.50 11.68 -30.28
C GLY B 124 -3.90 11.24 -31.68
N ALA B 125 -5.11 11.57 -32.10
CA ALA B 125 -5.55 11.21 -33.44
C ALA B 125 -4.66 11.80 -34.52
N ASN B 126 -3.92 12.87 -34.20
CA ASN B 126 -3.05 13.53 -35.18
C ASN B 126 -1.61 13.01 -35.12
N ILE B 127 -1.37 11.85 -34.50
CA ILE B 127 -0.02 11.30 -34.32
C ILE B 127 0.06 9.96 -35.06
N THR B 128 1.08 9.81 -35.89
CA THR B 128 1.40 8.49 -36.43
C THR B 128 2.44 7.86 -35.50
N PRO B 129 2.11 6.80 -34.78
CA PRO B 129 3.05 6.26 -33.80
C PRO B 129 4.27 5.69 -34.48
N ARG B 130 5.27 5.34 -33.67
CA ARG B 130 6.39 4.60 -34.19
C ARG B 130 5.94 3.16 -34.45
N GLU B 131 6.70 2.44 -35.25
CA GLU B 131 6.19 1.11 -35.54
C GLU B 131 6.89 -0.06 -34.90
N GLY B 132 7.63 -0.80 -35.71
CA GLY B 132 8.26 -1.94 -35.11
C GLY B 132 7.27 -2.85 -34.38
N ASP B 133 6.29 -3.40 -35.12
CA ASP B 133 5.15 -4.29 -34.76
C ASP B 133 5.48 -5.71 -34.79
N GLU B 134 6.45 -5.81 -34.03
CA GLU B 134 7.65 -6.49 -34.47
C GLU B 134 7.64 -7.46 -33.35
N LEU B 135 6.51 -7.82 -32.87
CA LEU B 135 6.09 -9.11 -33.28
C LEU B 135 4.86 -8.49 -32.65
N ALA B 136 5.13 -7.26 -32.12
CA ALA B 136 4.53 -6.16 -31.36
C ALA B 136 4.52 -6.39 -29.88
N ARG B 137 3.90 -7.49 -29.44
CA ARG B 137 3.57 -7.70 -28.05
C ARG B 137 2.68 -6.51 -27.68
N LEU B 138 1.36 -6.63 -27.90
CA LEU B 138 0.46 -5.60 -27.41
C LEU B 138 0.62 -5.48 -25.90
N PRO B 139 0.90 -4.30 -25.38
CA PRO B 139 0.89 -4.13 -23.93
C PRO B 139 -0.54 -4.24 -23.41
N TYR B 140 -0.66 -4.42 -22.10
CA TYR B 140 -1.95 -4.38 -21.43
C TYR B 140 -1.87 -3.39 -20.29
N LEU B 141 -3.04 -2.95 -19.82
CA LEU B 141 -3.10 -2.01 -18.71
C LEU B 141 -2.80 -2.77 -17.43
N ARG B 142 -1.66 -2.45 -16.79
CA ARG B 142 -1.23 -3.12 -15.57
C ARG B 142 -1.88 -2.51 -14.33
N THR B 143 -2.04 -1.19 -14.31
CA THR B 143 -2.66 -0.57 -13.16
C THR B 143 -3.11 0.82 -13.56
N TRP B 144 -4.07 1.34 -12.80
CA TRP B 144 -4.59 2.68 -13.04
C TRP B 144 -5.11 3.23 -11.72
N PHE B 145 -5.20 4.56 -11.64
CA PHE B 145 -5.88 5.18 -10.51
C PHE B 145 -6.20 6.59 -10.92
N ARG B 146 -7.10 7.23 -10.18
CA ARG B 146 -7.49 8.61 -10.43
C ARG B 146 -7.13 9.47 -9.23
N THR B 147 -6.76 10.70 -9.51
CA THR B 147 -6.64 11.75 -8.52
C THR B 147 -7.72 12.76 -8.83
N ARG B 148 -7.74 13.84 -8.04
CA ARG B 148 -8.72 14.88 -8.34
C ARG B 148 -8.40 15.60 -9.65
N SER B 149 -7.14 15.58 -10.09
CA SER B 149 -6.78 16.29 -11.32
C SER B 149 -6.52 15.39 -12.52
N ALA B 150 -6.34 14.08 -12.35
CA ALA B 150 -5.89 13.30 -13.49
C ALA B 150 -6.23 11.82 -13.33
N ILE B 151 -6.05 11.09 -14.44
CA ILE B 151 -6.08 9.63 -14.40
C ILE B 151 -4.69 9.16 -14.81
N ILE B 152 -4.20 8.17 -14.09
CA ILE B 152 -2.86 7.64 -14.27
C ILE B 152 -3.01 6.22 -14.80
N LEU B 153 -2.35 5.92 -15.90
CA LEU B 153 -2.51 4.62 -16.56
C LEU B 153 -1.14 4.03 -16.78
N HIS B 154 -0.90 2.83 -16.24
CA HIS B 154 0.41 2.19 -16.31
C HIS B 154 0.30 0.97 -17.21
N LEU B 155 1.01 0.97 -18.34
CA LEU B 155 0.98 -0.14 -19.30
C LEU B 155 2.07 -1.16 -19.01
N SER B 156 1.81 -2.41 -19.44
CA SER B 156 2.73 -3.51 -19.16
C SER B 156 4.08 -3.32 -19.83
N ASN B 157 4.18 -2.45 -20.86
CA ASN B 157 5.47 -2.18 -21.46
C ASN B 157 6.29 -1.15 -20.66
N GLY B 158 5.81 -0.77 -19.47
CA GLY B 158 6.52 0.18 -18.65
C GLY B 158 6.11 1.63 -18.87
N SER B 159 5.32 1.92 -19.89
CA SER B 159 4.92 3.29 -20.12
C SER B 159 3.91 3.72 -19.06
N VAL B 160 3.92 5.01 -18.75
CA VAL B 160 2.97 5.61 -17.82
C VAL B 160 2.36 6.81 -18.49
N GLN B 161 1.03 6.85 -18.57
CA GLN B 161 0.31 7.95 -19.17
C GLN B 161 -0.51 8.64 -18.09
N ILE B 162 -0.52 9.98 -18.14
CA ILE B 162 -1.27 10.82 -17.21
C ILE B 162 -2.10 11.81 -18.03
N ASN B 163 -3.41 11.71 -17.89
CA ASN B 163 -4.34 12.60 -18.59
C ASN B 163 -4.91 13.57 -17.59
N PHE B 164 -4.71 14.87 -17.83
CA PHE B 164 -5.20 15.90 -16.92
C PHE B 164 -6.63 16.29 -17.30
N PHE B 165 -7.52 16.23 -16.31
CA PHE B 165 -8.95 16.45 -16.56
C PHE B 165 -9.25 17.87 -16.97
N GLN B 166 -8.67 18.85 -16.28
CA GLN B 166 -9.09 20.25 -16.43
C GLN B 166 -8.84 20.79 -17.83
N ASP B 167 -7.63 20.64 -18.34
CA ASP B 167 -7.27 21.27 -19.60
C ASP B 167 -6.98 20.27 -20.71
N HIS B 168 -7.19 18.97 -20.48
CA HIS B 168 -7.00 17.91 -21.46
C HIS B 168 -5.53 17.73 -21.88
N THR B 169 -4.59 18.20 -21.07
CA THR B 169 -3.20 17.94 -21.40
C THR B 169 -2.84 16.54 -20.94
N LYS B 170 -1.84 15.97 -21.60
CA LYS B 170 -1.49 14.58 -21.32
C LYS B 170 0.01 14.41 -21.43
N LEU B 171 0.54 13.49 -20.62
CA LEU B 171 1.91 13.06 -20.69
C LEU B 171 1.93 11.57 -21.00
N ILE B 172 2.85 11.16 -21.87
CA ILE B 172 3.14 9.74 -22.10
C ILE B 172 4.62 9.57 -21.80
N LEU B 173 4.93 8.82 -20.74
CA LEU B 173 6.31 8.67 -20.28
C LEU B 173 6.78 7.27 -20.67
N CYS B 174 7.94 7.20 -21.30
CA CYS B 174 8.50 5.90 -21.70
C CYS B 174 9.86 5.72 -21.08
N PRO B 175 10.04 4.81 -20.13
CA PRO B 175 11.35 4.70 -19.45
C PRO B 175 12.40 4.06 -20.33
N LEU B 176 11.99 3.27 -21.32
CA LEU B 176 12.94 2.63 -22.22
C LEU B 176 13.66 3.66 -23.08
N MET B 177 12.94 4.64 -23.61
CA MET B 177 13.56 5.73 -24.35
C MET B 177 13.96 6.89 -23.45
N ALA B 178 13.65 6.81 -22.16
CA ALA B 178 13.86 7.94 -21.25
C ALA B 178 13.27 9.21 -21.86
N ALA B 179 12.04 9.09 -22.35
CA ALA B 179 11.42 10.17 -23.08
C ALA B 179 10.06 10.51 -22.49
N VAL B 180 9.54 11.67 -22.86
CA VAL B 180 8.19 12.09 -22.50
C VAL B 180 7.55 12.73 -23.71
N THR B 181 6.32 12.33 -24.01
CA THR B 181 5.52 12.99 -25.03
C THR B 181 4.47 13.85 -24.33
N TYR B 182 4.38 15.11 -24.72
CA TYR B 182 3.44 16.05 -24.11
C TYR B 182 2.40 16.44 -25.15
N ILE B 183 1.13 16.25 -24.81
CA ILE B 183 0.01 16.68 -25.64
C ILE B 183 -0.59 17.92 -24.97
N ASP B 184 -0.55 19.07 -25.65
CA ASP B 184 -0.98 20.30 -25.01
C ASP B 184 -2.49 20.52 -25.18
N GLU B 185 -3.00 21.62 -24.62
CA GLU B 185 -4.43 21.95 -24.77
C GLU B 185 -4.87 22.12 -26.22
N LYS B 186 -3.96 22.43 -27.12
CA LYS B 186 -4.28 22.63 -28.52
C LYS B 186 -4.14 21.34 -29.29
N ARG B 187 -3.89 20.25 -28.57
CA ARG B 187 -3.69 18.90 -29.10
C ARG B 187 -2.41 18.82 -29.93
N ASP B 188 -1.54 19.82 -29.82
CA ASP B 188 -0.21 19.73 -30.40
C ASP B 188 0.63 18.81 -29.53
N PHE B 189 1.47 18.03 -30.18
CA PHE B 189 2.23 16.99 -29.52
C PHE B 189 3.71 17.22 -29.78
N ARG B 190 4.51 17.02 -28.75
CA ARG B 190 5.96 17.11 -28.88
C ARG B 190 6.53 16.01 -28.01
N THR B 191 7.56 15.32 -28.51
CA THR B 191 8.22 14.28 -27.75
C THR B 191 9.63 14.73 -27.40
N TYR B 192 9.98 14.60 -26.13
CA TYR B 192 11.26 15.10 -25.63
C TYR B 192 12.05 13.96 -25.03
N ARG B 193 13.37 14.05 -25.13
CA ARG B 193 14.24 13.17 -24.37
C ARG B 193 14.54 13.84 -23.05
N LEU B 194 14.36 13.11 -21.95
CA LEU B 194 14.50 13.78 -20.65
C LEU B 194 15.90 14.31 -20.44
N SER B 195 16.93 13.63 -20.95
CA SER B 195 18.28 14.13 -20.71
C SER B 195 18.48 15.48 -21.41
N LEU B 196 17.87 15.65 -22.58
CA LEU B 196 18.01 16.91 -23.31
C LEU B 196 17.24 18.01 -22.61
N LEU B 197 16.12 17.66 -21.96
CA LEU B 197 15.39 18.67 -21.22
C LEU B 197 16.23 19.19 -20.07
N GLU B 198 17.12 18.36 -19.53
CA GLU B 198 18.02 18.83 -18.47
C GLU B 198 18.98 19.86 -19.02
N GLU B 199 19.56 19.62 -20.17
CA GLU B 199 20.48 20.61 -20.73
C GLU B 199 19.75 21.88 -21.13
N TYR B 200 18.67 21.76 -21.92
CA TYR B 200 18.10 22.91 -22.62
C TYR B 200 16.93 23.59 -21.92
N GLY B 201 16.32 22.97 -20.93
CA GLY B 201 15.23 23.58 -20.19
C GLY B 201 13.89 23.38 -20.88
N CYS B 202 12.85 23.94 -20.25
CA CYS B 202 11.50 23.88 -20.81
C CYS B 202 10.63 24.95 -20.16
N CYS B 203 9.42 25.11 -20.70
CA CYS B 203 8.46 26.06 -20.16
C CYS B 203 7.94 25.63 -18.79
N LYS B 204 7.33 26.58 -18.09
CA LYS B 204 6.80 26.28 -16.75
C LYS B 204 5.72 25.21 -16.80
N GLU B 205 4.89 25.21 -17.83
CA GLU B 205 3.80 24.24 -17.88
C GLU B 205 4.32 22.81 -17.92
N LEU B 206 5.23 22.51 -18.85
CA LEU B 206 5.80 21.17 -18.88
C LEU B 206 6.55 20.83 -17.59
N ALA B 207 7.36 21.77 -17.07
CA ALA B 207 8.06 21.50 -15.81
C ALA B 207 7.09 21.12 -14.71
N SER B 208 5.99 21.86 -14.59
CA SER B 208 5.04 21.57 -13.52
C SER B 208 4.42 20.20 -13.70
N ARG B 209 4.10 19.83 -14.93
CA ARG B 209 3.52 18.53 -15.16
C ARG B 209 4.51 17.41 -14.87
N LEU B 210 5.82 17.64 -15.09
CA LEU B 210 6.81 16.60 -14.81
C LEU B 210 7.01 16.42 -13.31
N ARG B 211 6.86 17.50 -12.51
CA ARG B 211 6.87 17.33 -11.05
C ARG B 211 5.68 16.51 -10.60
N TYR B 212 4.49 16.83 -11.09
CA TYR B 212 3.34 15.99 -10.77
C TYR B 212 3.56 14.55 -11.21
N ALA B 213 4.18 14.33 -12.38
CA ALA B 213 4.45 12.99 -12.84
C ALA B 213 5.31 12.20 -11.85
N ARG B 214 6.37 12.84 -11.33
CA ARG B 214 7.22 12.14 -10.37
C ARG B 214 6.40 11.66 -9.18
N THR B 215 5.51 12.53 -8.66
CA THR B 215 4.66 12.10 -7.56
C THR B 215 3.83 10.87 -7.92
N MET B 216 3.26 10.86 -9.15
CA MET B 216 2.40 9.73 -9.48
C MET B 216 3.19 8.45 -9.68
N VAL B 217 4.40 8.53 -10.23
CA VAL B 217 5.19 7.32 -10.35
C VAL B 217 5.60 6.79 -8.96
N ASP B 218 5.93 7.68 -8.02
CA ASP B 218 6.08 7.25 -6.62
C ASP B 218 4.91 6.45 -6.12
N LYS B 219 3.70 7.00 -6.29
CA LYS B 219 2.50 6.30 -5.86
C LYS B 219 2.40 4.94 -6.52
N LEU B 220 2.73 4.87 -7.81
CA LEU B 220 2.63 3.58 -8.50
C LEU B 220 3.59 2.56 -7.89
N LEU B 221 4.85 2.96 -7.68
CA LEU B 221 5.83 2.01 -7.13
C LEU B 221 5.43 1.57 -5.74
N SER B 222 4.89 2.49 -4.95
CA SER B 222 4.54 2.20 -3.56
C SER B 222 3.34 1.28 -3.45
N SER B 223 2.32 1.46 -4.29
CA SER B 223 1.18 0.54 -4.23
C SER B 223 1.56 -0.81 -4.84
N ARG B 224 2.37 -0.77 -5.90
CA ARG B 224 2.86 -2.02 -6.49
C ARG B 224 3.60 -2.83 -5.44
N SER B 225 4.69 -2.27 -4.92
CA SER B 225 5.40 -2.85 -3.80
C SER B 225 4.56 -2.66 -2.55
N ALA B 226 3.42 -3.37 -2.51
CA ALA B 226 2.53 -3.38 -1.34
C ALA B 226 1.88 -4.76 -1.24
C ACE C 1 17.89 -10.07 23.74
O ACE C 1 17.89 -10.14 24.93
CH3 ACE C 1 18.99 -9.28 23.01
N PRO C 2 16.81 -10.78 23.03
CA PRO C 2 16.60 -10.86 21.51
C PRO C 2 16.46 -9.40 20.95
N LEU C 3 17.28 -9.09 19.78
CA LEU C 3 17.32 -7.80 19.07
C LEU C 3 16.11 -7.74 18.07
N HIS C 4 15.42 -9.04 17.80
CA HIS C 4 14.30 -8.89 16.85
C HIS C 4 13.29 -10.03 17.15
N SER C 5 11.95 -9.86 16.63
CA SER C 5 10.92 -10.89 16.84
C SER C 5 11.35 -12.21 16.05
N TPO C 6 10.51 -13.37 16.22
CA TPO C 6 10.81 -14.67 15.58
CB TPO C 6 9.72 -15.68 16.04
CG2 TPO C 6 9.98 -17.05 15.44
OG1 TPO C 6 9.85 -15.65 17.46
P TPO C 6 8.58 -15.00 18.33
O1P TPO C 6 7.26 -15.64 17.92
O2P TPO C 6 8.84 -15.22 19.79
O3P TPO C 6 8.53 -13.52 17.99
C TPO C 6 10.99 -14.53 14.08
O TPO C 6 11.89 -15.02 13.51
N NH2 C 7 10.02 -13.76 13.42
C ACE D 1 -14.81 12.11 -12.22
O ACE D 1 -14.24 12.56 -11.28
CH3 ACE D 1 -16.04 11.18 -11.99
N PRO D 2 -14.28 12.46 -13.56
CA PRO D 2 -14.83 12.04 -14.94
C PRO D 2 -14.88 10.48 -15.00
N LEU D 3 -16.15 9.90 -15.49
CA LEU D 3 -16.40 8.46 -15.60
C LEU D 3 -15.81 7.98 -16.99
N HIS D 4 -15.45 9.06 -17.96
CA HIS D 4 -14.91 8.51 -19.22
C HIS D 4 -13.99 9.61 -19.80
N SER D 5 -13.08 9.15 -20.84
CA SER D 5 -12.18 10.08 -21.51
C SER D 5 -13.05 11.10 -22.38
N TPO D 6 -12.37 12.21 -23.00
CA TPO D 6 -13.10 13.24 -23.78
CB TPO D 6 -12.02 14.20 -24.30
CG2 TPO D 6 -12.66 15.34 -25.09
OG1 TPO D 6 -11.40 14.62 -23.10
P TPO D 6 -9.83 14.19 -22.79
O1P TPO D 6 -9.77 12.68 -22.61
O2P TPO D 6 -9.40 14.90 -21.54
O3P TPO D 6 -8.98 14.60 -23.97
C TPO D 6 -13.98 12.67 -24.89
O TPO D 6 -15.07 13.06 -25.09
N NH2 D 7 -13.41 11.66 -25.66
#